data_8XBW
#
_entry.id   8XBW
#
loop_
_entity.id
_entity.type
_entity.pdbx_description
1 polymer 'Histone H3.1'
2 polymer 'Histone H4'
3 polymer "DNA (5'-D(P*AP*CP*CP*GP*CP*TP*TP*AP*AP*AP*CP*GP*CP*AP*CP*GP*TP*A)-3')"
4 polymer "DNA (5'-D(P*TP*AP*CP*GP*TP*GP*CP*GP*TP*TP*TP*AP*AP*GP*CP*GP*GP*T)-3')"
5 polymer 'DNA repair protein RAD51 homolog 1'
#
loop_
_entity_poly.entity_id
_entity_poly.type
_entity_poly.pdbx_seq_one_letter_code
_entity_poly.pdbx_strand_id
1 'polypeptide(L)'
;GSHMARTKQTARKSTGGKAPRKQLATKAARKSAPATGGVKKPHRYRPGTVALREIRRYQKSTELLIRKLPFQRLVREIAQ
DFKTDLRFQSSAVMALQEACEAYLVGLFEDTNLCAIHAKRVTIMPKDIQLARRIRGERA
;
E
2 'polypeptide(L)'
;GSHMSGRGKGGKGLGKGGAKRHRKVLRDNIQGITKPAIRRLARRGGVKRISGLIYEETRGVLKVFLENVIRDAVTYTEHA
KRKTVTAMDVVYALKRQGRTLYGFGG
;
F
3 'polydeoxyribonucleotide'
;(DA)(DT)(DC)(DA)(DG)(DA)(DA)(DT)(DC)(DC)(DC)(DG)(DG)(DT)(DG)(DC)(DC)(DG)(DA)(DG)
(DG)(DC)(DC)(DG)(DC)(DT)(DC)(DA)(DA)(DT)(DT)(DG)(DG)(DT)(DC)(DG)(DT)(DA)(DG)(DA)
(DC)(DA)(DG)(DC)(DT)(DC)(DT)(DA)(DG)(DC)(DA)(DC)(DC)(DG)(DC)(DT)(DT)(DA)(DA)(DA)
(DC)(DG)(DC)(DA)(DC)(DG)(DT)(DA)(DC)(DG)(DC)(DG)(DC)(DT)(DG)(DT)(DC)(DC)(DC)(DC)
(DC)(DG)(DC)(DG)(DT)(DT)(DT)(DT)(DA)(DA)(DC)(DC)(DG)(DC)(DC)(DA)(DA)(DG)(DG)(DG)
(DG)(DA)(DT)(DT)(DA)(DC)(DA)(DC)(DC)(DC)(DA)(DA)(DG)(DA)(DC)(DA)(DC)(DC)(DA)(DG)
(DG)(DC)(DA)(DC)(DG)(DA)(DG)(DA)(DC)(DA)(DG)(DA)(DA)(DA)(DA)(DA)(DA)(DA)(DC)(DA)
(DA)(DC)(DG)(DA)(DA)(DA)(DA)(DC)(DG)(DG)(DC)(DC)(DA)(DC)(DC)(DA)
;
I
4 'polydeoxyribonucleotide'
;(DT)(DG)(DG)(DC)(DC)(DG)(DT)(DT)(DT)(DT)(DC)(DG)(DT)(DT)(DG)(DT)(DT)(DT)(DT)(DT)
(DT)(DT)(DC)(DT)(DG)(DT)(DC)(DT)(DC)(DG)(DT)(DG)(DC)(DC)(DT)(DG)(DG)(DT)(DG)(DT)
(DC)(DT)(DT)(DG)(DG)(DG)(DT)(DG)(DT)(DA)(DA)(DT)(DC)(DC)(DC)(DC)(DT)(DT)(DG)(DG)
(DC)(DG)(DG)(DT)(DT)(DA)(DA)(DA)(DA)(DC)(DG)(DC)(DG)(DG)(DG)(DG)(DG)(DA)(DC)(DA)
(DG)(DC)(DG)(DC)(DG)(DT)(DA)(DC)(DG)(DT)(DG)(DC)(DG)(DT)(DT)(DT)(DA)(DA)(DG)(DC)
(DG)(DG)(DT)(DG)(DC)(DT)(DA)(DG)(DA)(DG)(DC)(DT)(DG)(DT)(DC)(DT)(DA)(DC)(DG)(DA)
(DC)(DC)(DA)(DA)(DT)(DT)(DG)(DA)(DG)(DC)(DG)(DG)(DC)(DC)(DT)(DC)(DG)(DG)(DC)(DA)
(DC)(DC)(DG)(DG)(DG)(DA)(DT)(DT)(DC)(DT)(DG)(DA)(DT)
;
J
5 'polypeptide(L)'
;GSHMAMQMQLEANADTSVEEESFGPQPISRLEQCGINANDVKKLEEAGFHTVEAVAYAPKKELINIKGISEAKADKILAE
AAKLVPMGFTTATEFHQRRSEIIQITTGSKELDKLLQGGIETGSITEMFGEFRTGKTQICHTLAVTCQLPIDRGGGEGKA
MYIDTEGTFRPERLLAVAERYGLSGSDVLDNVAYARAFNTDHQTQLLYQASAMMVESRYALLIVDSATALYRTDYSGRGE
LSARQMHLARFLRMLLRLADEFGVAVVITNQVVAQVDGAAMFAADPKKPIGGNIIAHASTTRLYLRKGRGETRICKIYDS
PCLPEAEAMFAINADGVGDAKD
;
L
#
# COMPACT_ATOMS: atom_id res chain seq x y z
N PRO A 42 21.09 -30.09 -23.82
CA PRO A 42 21.30 -28.74 -23.29
C PRO A 42 21.23 -28.84 -21.78
N HIS A 43 21.86 -27.96 -21.03
CA HIS A 43 21.82 -28.12 -19.57
C HIS A 43 20.58 -27.40 -18.96
N ARG A 44 20.11 -28.04 -17.91
CA ARG A 44 18.99 -27.63 -17.08
C ARG A 44 19.23 -28.04 -15.64
N TYR A 45 19.14 -27.06 -14.75
CA TYR A 45 19.25 -27.29 -13.32
C TYR A 45 17.93 -27.84 -12.81
N ARG A 46 18.00 -28.71 -11.80
CA ARG A 46 16.81 -29.30 -11.21
C ARG A 46 16.04 -28.25 -10.42
N PRO A 47 14.72 -28.42 -10.32
CA PRO A 47 13.90 -27.50 -9.52
C PRO A 47 14.45 -27.36 -8.09
N GLY A 48 14.77 -26.14 -7.69
CA GLY A 48 15.29 -25.89 -6.36
C GLY A 48 16.72 -25.40 -6.31
N THR A 49 17.55 -25.87 -7.24
CA THR A 49 18.96 -25.53 -7.26
C THR A 49 19.17 -24.02 -7.48
N VAL A 50 18.43 -23.49 -8.44
CA VAL A 50 18.57 -22.09 -8.81
C VAL A 50 17.89 -21.21 -7.76
N ALA A 51 16.80 -21.72 -7.19
CA ALA A 51 16.13 -21.03 -6.09
C ALA A 51 17.09 -20.81 -4.92
N LEU A 52 17.79 -21.87 -4.53
CA LEU A 52 18.78 -21.80 -3.47
C LEU A 52 19.90 -20.83 -3.84
N ARG A 53 20.34 -20.90 -5.09
CA ARG A 53 21.36 -19.97 -5.58
C ARG A 53 20.91 -18.51 -5.40
N GLU A 54 19.64 -18.25 -5.70
CA GLU A 54 19.07 -16.91 -5.57
C GLU A 54 18.98 -16.50 -4.10
N ILE A 55 18.65 -17.45 -3.23
CA ILE A 55 18.60 -17.15 -1.80
C ILE A 55 19.96 -16.68 -1.32
N ARG A 56 21.01 -17.44 -1.65
CA ARG A 56 22.36 -17.08 -1.24
C ARG A 56 22.73 -15.71 -1.82
N ARG A 57 22.43 -15.51 -3.10
CA ARG A 57 22.72 -14.26 -3.79
C ARG A 57 22.10 -13.04 -3.10
N TYR A 58 20.81 -13.10 -2.83
CA TYR A 58 20.09 -11.95 -2.30
C TYR A 58 20.24 -11.77 -0.79
N GLN A 59 20.63 -12.83 -0.09
CA GLN A 59 20.91 -12.69 1.33
C GLN A 59 22.32 -12.15 1.48
N LYS A 60 23.12 -12.29 0.44
CA LYS A 60 24.48 -11.77 0.45
C LYS A 60 24.51 -10.25 0.24
N SER A 61 23.53 -9.73 -0.49
CA SER A 61 23.55 -8.33 -0.91
C SER A 61 22.55 -7.46 -0.14
N THR A 62 22.56 -6.15 -0.42
CA THR A 62 21.75 -5.20 0.34
C THR A 62 20.92 -4.23 -0.53
N GLU A 63 21.03 -4.36 -1.84
CA GLU A 63 20.36 -3.44 -2.75
C GLU A 63 18.84 -3.59 -2.66
N LEU A 64 18.13 -2.50 -2.91
CA LEU A 64 16.67 -2.52 -2.90
C LEU A 64 16.15 -3.43 -4.00
N LEU A 65 15.06 -4.14 -3.74
CA LEU A 65 14.63 -5.22 -4.61
C LEU A 65 13.38 -4.85 -5.42
N ILE A 66 12.69 -3.80 -5.00
CA ILE A 66 11.58 -3.26 -5.77
C ILE A 66 12.06 -2.10 -6.64
N ARG A 67 11.51 -2.00 -7.85
CA ARG A 67 11.87 -0.92 -8.78
C ARG A 67 11.46 0.45 -8.23
N LYS A 68 12.32 1.44 -8.43
CA LYS A 68 12.13 2.77 -7.87
C LYS A 68 10.83 3.45 -8.29
N LEU A 69 10.63 3.56 -9.59
CA LEU A 69 9.53 4.36 -10.14
C LEU A 69 8.12 3.83 -9.79
N PRO A 70 7.88 2.50 -9.94
CA PRO A 70 6.55 2.04 -9.51
C PRO A 70 6.29 2.21 -8.00
N PHE A 71 7.32 2.02 -7.19
CA PHE A 71 7.17 2.21 -5.75
C PHE A 71 6.81 3.66 -5.44
N GLN A 72 7.51 4.59 -6.08
CA GLN A 72 7.24 6.00 -5.91
C GLN A 72 5.81 6.34 -6.32
N ARG A 73 5.40 5.77 -7.47
CA ARG A 73 4.04 5.98 -7.97
C ARG A 73 3.00 5.50 -6.98
N LEU A 74 3.25 4.32 -6.41
CA LEU A 74 2.37 3.74 -5.40
C LEU A 74 2.28 4.65 -4.16
N VAL A 75 3.44 5.11 -3.70
CA VAL A 75 3.52 5.97 -2.52
C VAL A 75 2.71 7.25 -2.72
N ARG A 76 2.86 7.88 -3.88
CA ARG A 76 2.13 9.12 -4.14
C ARG A 76 0.63 8.85 -4.23
N GLU A 77 0.26 7.74 -4.85
CA GLU A 77 -1.16 7.36 -4.95
C GLU A 77 -1.80 7.19 -3.58
N ILE A 78 -1.14 6.41 -2.72
CA ILE A 78 -1.64 6.17 -1.37
C ILE A 78 -1.70 7.45 -0.57
N ALA A 79 -0.66 8.26 -0.68
CA ALA A 79 -0.58 9.53 0.05
C ALA A 79 -1.72 10.47 -0.33
N GLN A 80 -2.12 10.45 -1.61
CA GLN A 80 -3.17 11.35 -2.08
C GLN A 80 -4.53 11.18 -1.37
N ASP A 81 -4.80 9.98 -0.91
CA ASP A 81 -6.05 9.70 -0.19
C ASP A 81 -6.03 10.15 1.26
N PHE A 82 -4.89 10.65 1.72
CA PHE A 82 -4.81 11.25 3.04
C PHE A 82 -4.71 12.77 2.99
N LYS A 83 -3.90 13.30 2.09
CA LYS A 83 -3.74 14.75 1.98
C LYS A 83 -3.46 15.23 0.56
N THR A 84 -4.16 16.30 0.18
CA THR A 84 -4.04 16.89 -1.14
C THR A 84 -2.74 17.66 -1.28
N ASP A 85 -2.27 17.79 -2.53
CA ASP A 85 -1.22 18.76 -2.90
C ASP A 85 0.15 18.41 -2.33
N LEU A 86 0.33 17.17 -1.90
CA LEU A 86 1.59 16.77 -1.29
C LEU A 86 2.77 16.67 -2.25
N ARG A 87 3.94 17.07 -1.74
CA ARG A 87 5.19 16.73 -2.41
C ARG A 87 6.00 15.79 -1.51
N PHE A 88 7.09 15.23 -2.04
CA PHE A 88 7.91 14.31 -1.26
C PHE A 88 9.38 14.65 -1.39
N GLN A 89 10.10 14.62 -0.27
CA GLN A 89 11.56 14.63 -0.34
C GLN A 89 12.00 13.29 -0.94
N SER A 90 13.07 13.31 -1.72
CA SER A 90 13.63 12.10 -2.32
C SER A 90 13.93 11.04 -1.25
N SER A 91 14.62 11.48 -0.20
CA SER A 91 15.01 10.60 0.89
C SER A 91 13.81 10.08 1.67
N ALA A 92 12.67 10.75 1.56
CA ALA A 92 11.45 10.28 2.23
C ALA A 92 10.92 9.03 1.52
N VAL A 93 10.96 9.06 0.20
CA VAL A 93 10.52 7.92 -0.59
C VAL A 93 11.51 6.77 -0.40
N MET A 94 12.79 7.10 -0.38
CA MET A 94 13.79 6.05 -0.13
C MET A 94 13.64 5.45 1.27
N ALA A 95 13.26 6.28 2.23
CA ALA A 95 13.03 5.81 3.60
C ALA A 95 11.87 4.83 3.62
N LEU A 96 10.78 5.22 2.97
CA LEU A 96 9.62 4.34 2.88
C LEU A 96 9.98 3.02 2.19
N GLN A 97 10.85 3.06 1.19
CA GLN A 97 11.18 1.82 0.50
C GLN A 97 12.05 0.90 1.34
N GLU A 98 13.04 1.46 2.01
CA GLU A 98 13.87 0.67 2.91
C GLU A 98 13.00 0.00 3.99
N ALA A 99 12.09 0.77 4.57
CA ALA A 99 11.20 0.26 5.59
C ALA A 99 10.27 -0.84 5.06
N CYS A 100 9.70 -0.62 3.89
CA CYS A 100 8.77 -1.58 3.31
C CYS A 100 9.46 -2.90 2.97
N GLU A 101 10.63 -2.81 2.36
CA GLU A 101 11.35 -4.00 1.95
C GLU A 101 11.85 -4.77 3.17
N ALA A 102 12.32 -4.05 4.18
CA ALA A 102 12.72 -4.72 5.42
C ALA A 102 11.54 -5.47 6.04
N TYR A 103 10.37 -4.83 6.01
CA TYR A 103 9.15 -5.42 6.56
C TYR A 103 8.76 -6.70 5.82
N LEU A 104 8.77 -6.62 4.49
CA LEU A 104 8.39 -7.77 3.68
C LEU A 104 9.36 -8.92 3.82
N VAL A 105 10.67 -8.64 3.82
CA VAL A 105 11.66 -9.69 4.03
C VAL A 105 11.47 -10.39 5.37
N GLY A 106 11.27 -9.61 6.43
CA GLY A 106 11.04 -10.23 7.74
C GLY A 106 9.77 -11.07 7.78
N LEU A 107 8.71 -10.55 7.17
CA LEU A 107 7.45 -11.27 7.08
C LEU A 107 7.62 -12.58 6.31
N PHE A 108 8.45 -12.57 5.28
CA PHE A 108 8.70 -13.77 4.49
C PHE A 108 9.52 -14.78 5.28
N GLU A 109 10.39 -14.29 6.15
CA GLU A 109 11.08 -15.18 7.07
C GLU A 109 10.08 -15.93 7.96
N ASP A 110 9.16 -15.18 8.56
CA ASP A 110 8.19 -15.81 9.47
C ASP A 110 7.25 -16.75 8.71
N THR A 111 6.81 -16.30 7.55
CA THR A 111 5.97 -17.08 6.64
C THR A 111 6.63 -18.41 6.28
N ASN A 112 7.92 -18.34 5.98
CA ASN A 112 8.69 -19.54 5.66
C ASN A 112 8.71 -20.48 6.85
N LEU A 113 8.86 -19.91 8.05
CA LEU A 113 8.84 -20.74 9.26
C LEU A 113 7.48 -21.45 9.40
N CYS A 114 6.41 -20.75 9.05
CA CYS A 114 5.07 -21.34 9.12
C CYS A 114 4.89 -22.46 8.10
N ALA A 115 5.40 -22.25 6.89
CA ALA A 115 5.33 -23.28 5.85
C ALA A 115 6.09 -24.53 6.29
N ILE A 116 7.32 -24.35 6.77
CA ILE A 116 8.13 -25.48 7.24
C ILE A 116 7.46 -26.20 8.42
N HIS A 117 6.83 -25.43 9.30
CA HIS A 117 6.08 -25.99 10.42
C HIS A 117 5.05 -27.01 9.94
N ALA A 118 4.40 -26.71 8.81
CA ALA A 118 3.39 -27.58 8.23
C ALA A 118 4.01 -28.62 7.30
N LYS A 119 5.30 -28.86 7.46
CA LYS A 119 6.05 -29.82 6.66
C LYS A 119 5.99 -29.55 5.16
N ARG A 120 5.90 -28.27 4.79
CA ARG A 120 6.01 -27.86 3.40
C ARG A 120 7.29 -27.06 3.17
N VAL A 121 7.63 -26.83 1.90
CA VAL A 121 8.75 -26.00 1.53
C VAL A 121 8.25 -24.84 0.67
N THR A 122 6.95 -24.84 0.44
CA THR A 122 6.29 -23.83 -0.39
C THR A 122 5.46 -22.89 0.48
N ILE A 123 5.70 -21.59 0.38
CA ILE A 123 4.91 -20.64 1.16
C ILE A 123 3.58 -20.38 0.45
N MET A 124 2.53 -20.23 1.24
CA MET A 124 1.17 -20.08 0.75
C MET A 124 0.54 -18.91 1.50
N PRO A 125 -0.55 -18.34 0.98
CA PRO A 125 -1.23 -17.24 1.68
C PRO A 125 -1.56 -17.55 3.15
N LYS A 126 -1.98 -18.77 3.45
CA LYS A 126 -2.30 -19.12 4.84
C LYS A 126 -1.08 -19.01 5.76
N ASP A 127 0.12 -19.21 5.22
CA ASP A 127 1.34 -19.03 6.00
C ASP A 127 1.50 -17.57 6.39
N ILE A 128 1.33 -16.69 5.40
CA ILE A 128 1.40 -15.25 5.63
C ILE A 128 0.36 -14.83 6.66
N GLN A 129 -0.85 -15.36 6.52
CA GLN A 129 -1.94 -14.97 7.40
C GLN A 129 -1.70 -15.45 8.83
N LEU A 130 -1.12 -16.63 8.99
CA LEU A 130 -0.79 -17.10 10.33
C LEU A 130 0.28 -16.22 10.95
N ALA A 131 1.31 -15.90 10.15
CA ALA A 131 2.41 -15.06 10.63
C ALA A 131 1.90 -13.69 11.09
N ARG A 132 1.01 -13.12 10.29
CA ARG A 132 0.48 -11.78 10.58
C ARG A 132 -0.47 -11.80 11.77
N ARG A 133 -1.22 -12.88 11.93
CA ARG A 133 -2.08 -13.02 13.10
C ARG A 133 -1.27 -13.11 14.39
N ILE A 134 -0.19 -13.89 14.35
CA ILE A 134 0.61 -14.07 15.56
C ILE A 134 1.43 -12.81 15.86
N ARG A 135 1.83 -12.09 14.82
CA ARG A 135 2.51 -10.81 15.02
C ARG A 135 1.61 -9.75 15.67
N GLY A 136 0.30 -9.98 15.60
CA GLY A 136 -0.67 -9.02 16.10
C GLY A 136 -1.09 -8.03 15.04
N GLU A 137 -0.82 -8.37 13.78
CA GLU A 137 -1.29 -7.55 12.67
C GLU A 137 -2.70 -7.93 12.26
N HIS B 22 -5.72 23.11 -17.84
CA HIS B 22 -4.85 22.22 -17.05
C HIS B 22 -5.59 21.06 -16.37
N ARG B 23 -4.98 19.86 -16.45
CA ARG B 23 -5.37 18.58 -15.86
C ARG B 23 -4.15 17.68 -15.61
N LYS B 24 -4.24 16.76 -14.63
CA LYS B 24 -3.40 15.56 -14.52
C LYS B 24 -4.24 14.34 -14.11
N VAL B 25 -3.96 13.18 -14.71
CA VAL B 25 -4.87 12.03 -14.73
C VAL B 25 -4.80 11.16 -13.48
N LEU B 26 -5.91 10.51 -13.12
CA LEU B 26 -5.95 9.46 -12.09
C LEU B 26 -5.23 8.19 -12.57
N ARG B 27 -4.68 7.40 -11.63
CA ARG B 27 -3.88 6.20 -11.90
C ARG B 27 -4.14 5.10 -10.87
N ASP B 28 -3.85 3.85 -11.24
CA ASP B 28 -3.81 2.70 -10.32
C ASP B 28 -2.40 2.08 -10.34
N ASN B 29 -1.74 1.89 -9.19
CA ASN B 29 -0.32 1.39 -9.19
C ASN B 29 0.03 0.03 -8.60
N ILE B 30 -0.68 -0.62 -7.68
CA ILE B 30 -0.12 -1.73 -6.85
C ILE B 30 0.51 -2.91 -7.64
N GLN B 31 0.09 -3.09 -8.88
CA GLN B 31 0.50 -4.16 -9.78
C GLN B 31 1.89 -3.88 -10.33
N GLY B 32 2.38 -2.67 -10.08
CA GLY B 32 3.74 -2.31 -10.44
C GLY B 32 4.78 -2.95 -9.56
N ILE B 33 4.36 -3.42 -8.39
CA ILE B 33 5.21 -4.25 -7.55
C ILE B 33 5.14 -5.66 -8.10
N THR B 34 6.06 -5.96 -9.02
CA THR B 34 5.95 -7.15 -9.87
C THR B 34 6.24 -8.45 -9.16
N LYS B 35 5.84 -9.55 -9.79
CA LYS B 35 6.13 -10.91 -9.33
C LYS B 35 7.61 -11.19 -9.12
N PRO B 36 8.50 -10.82 -10.07
CA PRO B 36 9.90 -11.11 -9.80
C PRO B 36 10.49 -10.31 -8.63
N ALA B 37 9.93 -9.14 -8.36
CA ALA B 37 10.39 -8.31 -7.24
C ALA B 37 10.02 -8.97 -5.92
N ILE B 38 8.79 -9.46 -5.86
CA ILE B 38 8.28 -10.13 -4.67
C ILE B 38 9.08 -11.41 -4.47
N ARG B 39 9.39 -12.09 -5.56
CA ARG B 39 10.25 -13.26 -5.50
C ARG B 39 11.61 -12.92 -4.92
N ARG B 40 12.20 -11.80 -5.34
CA ARG B 40 13.51 -11.41 -4.81
C ARG B 40 13.43 -11.14 -3.30
N LEU B 41 12.39 -10.42 -2.90
CA LEU B 41 12.15 -10.19 -1.48
C LEU B 41 12.02 -11.49 -0.70
N ALA B 42 11.32 -12.48 -1.27
CA ALA B 42 11.13 -13.76 -0.60
C ALA B 42 12.44 -14.54 -0.50
N ARG B 43 13.25 -14.49 -1.56
CA ARG B 43 14.57 -15.09 -1.57
C ARG B 43 15.45 -14.53 -0.46
N ARG B 44 15.45 -13.20 -0.30
CA ARG B 44 16.21 -12.60 0.79
C ARG B 44 15.66 -13.07 2.14
N GLY B 45 14.36 -13.36 2.16
CA GLY B 45 13.71 -13.93 3.33
C GLY B 45 13.94 -15.41 3.51
N GLY B 46 14.68 -16.03 2.59
CA GLY B 46 15.06 -17.42 2.72
C GLY B 46 14.09 -18.42 2.14
N VAL B 47 13.15 -17.95 1.32
CA VAL B 47 12.11 -18.81 0.76
C VAL B 47 12.57 -19.52 -0.52
N LYS B 48 12.36 -20.84 -0.57
CA LYS B 48 12.84 -21.65 -1.69
C LYS B 48 11.76 -21.92 -2.74
N ARG B 49 10.51 -22.02 -2.30
CA ARG B 49 9.41 -22.34 -3.20
C ARG B 49 8.20 -21.48 -2.87
N ILE B 50 7.49 -21.03 -3.90
CA ILE B 50 6.48 -20.00 -3.74
C ILE B 50 5.18 -20.29 -4.50
N SER B 51 4.08 -20.36 -3.78
CA SER B 51 2.77 -20.56 -4.39
C SER B 51 2.39 -19.38 -5.27
N GLY B 52 1.66 -19.65 -6.34
CA GLY B 52 1.22 -18.61 -7.27
C GLY B 52 0.35 -17.53 -6.65
N LEU B 53 -0.37 -17.89 -5.59
CA LEU B 53 -1.29 -16.98 -4.93
C LEU B 53 -0.60 -15.99 -3.99
N ILE B 54 0.68 -16.21 -3.73
CA ILE B 54 1.43 -15.35 -2.82
C ILE B 54 1.48 -13.90 -3.25
N TYR B 55 1.67 -13.69 -4.55
CA TYR B 55 1.97 -12.36 -5.05
C TYR B 55 0.85 -11.37 -4.76
N GLU B 56 -0.38 -11.74 -5.10
CA GLU B 56 -1.50 -10.86 -4.80
C GLU B 56 -1.62 -10.64 -3.31
N GLU B 57 -1.40 -11.70 -2.54
CA GLU B 57 -1.53 -11.60 -1.10
C GLU B 57 -0.50 -10.61 -0.62
N THR B 58 0.71 -10.74 -1.15
CA THR B 58 1.79 -9.88 -0.72
C THR B 58 1.42 -8.43 -1.00
N ARG B 59 0.80 -8.21 -2.16
CA ARG B 59 0.48 -6.86 -2.55
C ARG B 59 -0.48 -6.24 -1.56
N GLY B 60 -1.48 -7.02 -1.16
CA GLY B 60 -2.45 -6.50 -0.21
C GLY B 60 -1.73 -6.13 1.06
N VAL B 61 -0.87 -7.03 1.52
CA VAL B 61 -0.16 -6.79 2.77
C VAL B 61 0.66 -5.52 2.63
N LEU B 62 1.34 -5.37 1.49
CA LEU B 62 2.22 -4.22 1.32
C LEU B 62 1.39 -2.97 1.40
N LYS B 63 0.24 -2.99 0.74
CA LYS B 63 -0.57 -1.79 0.67
C LYS B 63 -0.96 -1.36 2.06
N VAL B 64 -1.37 -2.34 2.87
CA VAL B 64 -1.82 -1.98 4.21
C VAL B 64 -0.69 -1.31 4.95
N PHE B 65 0.49 -1.93 4.88
CA PHE B 65 1.64 -1.40 5.60
C PHE B 65 1.87 0.02 5.17
N LEU B 66 1.92 0.23 3.86
CA LEU B 66 2.29 1.53 3.34
C LEU B 66 1.29 2.53 3.83
N GLU B 67 0.02 2.17 3.70
CA GLU B 67 -1.05 3.07 4.08
C GLU B 67 -0.84 3.56 5.51
N ASN B 68 -0.63 2.62 6.42
CA ASN B 68 -0.54 3.01 7.81
C ASN B 68 0.60 3.98 8.00
N VAL B 69 1.77 3.63 7.49
CA VAL B 69 2.93 4.47 7.72
C VAL B 69 2.67 5.81 7.11
N ILE B 70 2.16 5.82 5.88
CA ILE B 70 2.05 7.09 5.20
C ILE B 70 1.02 7.95 5.89
N ARG B 71 -0.05 7.32 6.37
CA ARG B 71 -1.07 8.08 7.08
C ARG B 71 -0.44 8.87 8.23
N ASP B 72 0.41 8.22 9.01
CA ASP B 72 1.05 8.92 10.11
C ASP B 72 2.04 9.97 9.61
N ALA B 73 2.81 9.64 8.57
CA ALA B 73 3.84 10.55 8.09
C ALA B 73 3.24 11.89 7.71
N VAL B 74 2.13 11.81 6.98
CA VAL B 74 1.47 13.00 6.47
C VAL B 74 0.90 13.80 7.61
N THR B 75 0.46 13.10 8.65
CA THR B 75 -0.06 13.78 9.82
C THR B 75 1.02 14.66 10.36
N TYR B 76 2.23 14.12 10.48
CA TYR B 76 3.34 14.95 10.96
C TYR B 76 3.55 16.11 10.02
N THR B 77 3.51 15.83 8.72
CA THR B 77 3.73 16.87 7.72
C THR B 77 2.72 17.98 7.91
N GLU B 78 1.48 17.60 8.19
CA GLU B 78 0.43 18.59 8.28
C GLU B 78 0.61 19.41 9.55
N HIS B 79 1.05 18.77 10.64
CA HIS B 79 1.27 19.51 11.88
C HIS B 79 2.31 20.60 11.69
N ALA B 80 3.33 20.32 10.88
CA ALA B 80 4.42 21.25 10.65
C ALA B 80 4.01 22.32 9.64
N LYS B 81 2.76 22.23 9.20
CA LYS B 81 2.20 23.12 8.17
C LYS B 81 3.05 23.14 6.92
N ARG B 82 3.45 21.95 6.47
CA ARG B 82 4.23 21.81 5.25
C ARG B 82 3.41 21.07 4.19
N LYS B 83 3.84 21.17 2.93
CA LYS B 83 3.23 20.44 1.83
C LYS B 83 4.19 19.37 1.33
N THR B 84 5.37 19.29 1.95
CA THR B 84 6.37 18.32 1.54
C THR B 84 6.65 17.34 2.66
N VAL B 85 6.39 16.07 2.39
CA VAL B 85 6.74 15.00 3.32
C VAL B 85 8.25 14.85 3.38
N THR B 86 8.81 14.94 4.58
CA THR B 86 10.26 14.83 4.74
C THR B 86 10.63 13.43 5.20
N ALA B 87 11.92 13.12 5.10
CA ALA B 87 12.44 11.85 5.61
C ALA B 87 12.13 11.68 7.10
N MET B 88 12.20 12.78 7.83
CA MET B 88 11.94 12.77 9.27
C MET B 88 10.48 12.44 9.57
N ASP B 89 9.56 12.93 8.75
CA ASP B 89 8.14 12.61 8.89
C ASP B 89 7.95 11.10 8.88
N VAL B 90 8.61 10.46 7.91
CA VAL B 90 8.54 9.03 7.72
C VAL B 90 9.18 8.30 8.89
N VAL B 91 10.35 8.78 9.30
CA VAL B 91 11.07 8.19 10.43
C VAL B 91 10.26 8.22 11.72
N TYR B 92 9.61 9.35 11.99
CA TYR B 92 8.75 9.47 13.16
C TYR B 92 7.56 8.52 13.07
N ALA B 93 6.95 8.42 11.89
CA ALA B 93 5.83 7.50 11.72
C ALA B 93 6.26 6.06 12.03
N LEU B 94 7.40 5.68 11.48
CA LEU B 94 7.93 4.33 11.64
C LEU B 94 8.26 4.06 13.09
N LYS B 95 8.88 5.04 13.74
CA LYS B 95 9.24 4.92 15.14
C LYS B 95 8.00 4.70 15.99
N ARG B 96 6.96 5.50 15.75
CA ARG B 96 5.78 5.42 16.58
C ARG B 96 4.98 4.16 16.24
N GLN B 97 5.33 3.50 15.15
CA GLN B 97 4.72 2.20 14.87
C GLN B 97 5.61 1.03 15.31
N GLY B 98 6.64 1.33 16.09
CA GLY B 98 7.52 0.30 16.62
C GLY B 98 8.39 -0.34 15.55
N ARG B 99 8.66 0.42 14.48
CA ARG B 99 9.50 -0.07 13.39
C ARG B 99 10.61 0.93 13.12
N THR B 100 11.39 1.21 14.16
CA THR B 100 12.50 2.16 14.12
C THR B 100 13.44 1.95 12.94
N LEU B 101 13.71 3.03 12.20
CA LEU B 101 14.60 2.99 11.06
C LEU B 101 15.85 3.84 11.29
N TYR B 102 17.02 3.25 11.10
CA TYR B 102 18.28 3.98 11.21
C TYR B 102 18.76 4.40 9.83
N GLY B 103 19.32 5.61 9.73
CA GLY B 103 20.01 6.00 8.51
C GLY B 103 19.49 7.22 7.76
N PHE B 104 18.37 7.78 8.22
CA PHE B 104 17.72 8.85 7.47
C PHE B 104 17.48 10.11 8.29
N GLY B 105 18.18 10.25 9.41
CA GLY B 105 18.05 11.42 10.25
C GLY B 105 18.78 12.63 9.71
N GLY E 24 -31.41 17.68 -15.59
CA GLY E 24 -31.89 16.38 -15.15
C GLY E 24 -31.08 15.77 -14.01
N PRO E 25 -31.29 14.48 -13.77
CA PRO E 25 -30.53 13.79 -12.73
C PRO E 25 -29.13 13.43 -13.19
N GLN E 26 -28.27 13.18 -12.22
CA GLN E 26 -26.94 12.63 -12.48
C GLN E 26 -26.70 11.44 -11.56
N PRO E 27 -27.23 10.27 -11.92
CA PRO E 27 -27.13 9.10 -11.05
C PRO E 27 -25.73 8.90 -10.49
N ILE E 28 -25.67 8.49 -9.22
CA ILE E 28 -24.41 8.51 -8.48
C ILE E 28 -23.41 7.53 -9.06
N SER E 29 -23.87 6.63 -9.93
CA SER E 29 -22.98 5.72 -10.64
C SER E 29 -21.83 6.47 -11.32
N ARG E 30 -22.13 7.62 -11.95
CA ARG E 30 -21.07 8.34 -12.66
C ARG E 30 -20.00 8.84 -11.71
N LEU E 31 -20.35 9.05 -10.44
CA LEU E 31 -19.36 9.46 -9.45
C LEU E 31 -18.28 8.40 -9.28
N GLU E 32 -18.63 7.13 -9.50
CA GLU E 32 -17.66 6.04 -9.34
C GLU E 32 -16.51 6.12 -10.33
N GLN E 33 -16.74 6.65 -11.54
CA GLN E 33 -15.63 6.80 -12.49
C GLN E 33 -14.67 7.91 -12.11
N CYS E 34 -15.09 8.88 -11.30
CA CYS E 34 -14.17 9.89 -10.80
C CYS E 34 -13.13 9.34 -9.83
N GLY E 35 -13.34 8.14 -9.30
CA GLY E 35 -12.38 7.50 -8.42
C GLY E 35 -12.79 7.44 -6.97
N ILE E 36 -14.00 7.90 -6.62
CA ILE E 36 -14.65 7.40 -5.41
C ILE E 36 -14.75 5.89 -5.51
N ASN E 37 -14.35 5.21 -4.45
CA ASN E 37 -14.51 3.76 -4.38
C ASN E 37 -15.99 3.39 -4.32
N ALA E 38 -16.30 2.18 -4.83
CA ALA E 38 -17.69 1.76 -4.96
C ALA E 38 -18.35 1.54 -3.60
N ASN E 39 -17.56 1.20 -2.58
CA ASN E 39 -18.15 0.98 -1.26
C ASN E 39 -18.74 2.28 -0.73
N ASP E 40 -18.05 3.40 -0.96
CA ASP E 40 -18.57 4.68 -0.53
C ASP E 40 -19.84 5.06 -1.29
N VAL E 41 -19.96 4.67 -2.57
CA VAL E 41 -21.19 4.93 -3.29
C VAL E 41 -22.33 4.08 -2.73
N LYS E 42 -22.02 2.84 -2.34
CA LYS E 42 -23.03 2.01 -1.70
C LYS E 42 -23.45 2.59 -0.36
N LYS E 43 -22.51 3.15 0.39
CA LYS E 43 -22.83 3.80 1.65
C LYS E 43 -23.71 5.04 1.42
N LEU E 44 -23.49 5.75 0.32
CA LEU E 44 -24.33 6.90 0.02
C LEU E 44 -25.73 6.48 -0.37
N GLU E 45 -25.85 5.36 -1.09
CA GLU E 45 -27.17 4.85 -1.45
C GLU E 45 -27.90 4.31 -0.23
N GLU E 46 -27.19 3.60 0.66
CA GLU E 46 -27.75 3.21 1.95
C GLU E 46 -28.25 4.41 2.73
N ALA E 47 -27.46 5.48 2.76
CA ALA E 47 -27.91 6.73 3.35
C ALA E 47 -29.10 7.28 2.60
N GLY E 48 -29.19 6.98 1.31
CA GLY E 48 -30.28 7.38 0.48
C GLY E 48 -29.91 8.33 -0.63
N PHE E 49 -28.63 8.46 -0.94
CA PHE E 49 -28.16 9.32 -2.02
C PHE E 49 -27.92 8.41 -3.22
N HIS E 50 -28.62 8.68 -4.31
CA HIS E 50 -28.61 7.79 -5.46
C HIS E 50 -28.17 8.50 -6.72
N THR E 51 -27.88 9.80 -6.63
CA THR E 51 -27.44 10.59 -7.77
C THR E 51 -26.25 11.45 -7.36
N VAL E 52 -25.49 11.85 -8.38
CA VAL E 52 -24.39 12.79 -8.14
C VAL E 52 -25.02 14.12 -7.71
N GLU E 53 -26.19 14.42 -8.24
CA GLU E 53 -26.97 15.55 -7.74
C GLU E 53 -27.17 15.46 -6.23
N ALA E 54 -27.37 14.24 -5.72
CA ALA E 54 -27.70 14.07 -4.31
C ALA E 54 -26.49 14.38 -3.43
N VAL E 55 -25.32 13.83 -3.79
CA VAL E 55 -24.09 14.12 -3.07
C VAL E 55 -23.69 15.58 -3.27
N ALA E 56 -23.97 16.14 -4.44
CA ALA E 56 -23.39 17.41 -4.86
C ALA E 56 -23.91 18.55 -4.01
N TYR E 57 -25.22 18.74 -3.97
CA TYR E 57 -25.81 19.82 -3.18
C TYR E 57 -26.01 19.33 -1.76
N ALA E 58 -24.89 19.04 -1.10
CA ALA E 58 -24.85 18.84 0.34
C ALA E 58 -23.49 19.25 0.86
N PRO E 59 -23.41 19.73 2.11
CA PRO E 59 -22.11 20.07 2.69
C PRO E 59 -21.33 18.82 3.05
N LYS E 60 -20.09 18.98 3.55
CA LYS E 60 -19.27 17.79 3.82
C LYS E 60 -19.90 16.92 4.90
N LYS E 61 -20.54 17.54 5.89
CA LYS E 61 -20.90 16.81 7.11
C LYS E 61 -21.93 15.73 6.84
N GLU E 62 -22.76 15.92 5.81
CA GLU E 62 -23.79 14.93 5.51
C GLU E 62 -23.16 13.58 5.16
N LEU E 63 -22.13 13.60 4.31
CA LEU E 63 -21.48 12.36 3.93
C LEU E 63 -20.63 11.77 5.04
N ILE E 64 -20.08 12.64 5.91
CA ILE E 64 -19.20 12.15 6.98
C ILE E 64 -19.99 11.39 8.02
N ASN E 65 -21.22 11.84 8.31
CA ASN E 65 -22.04 11.19 9.33
C ASN E 65 -22.44 9.79 8.93
N ILE E 66 -22.36 9.47 7.63
CA ILE E 66 -22.67 8.14 7.14
C ILE E 66 -21.61 7.17 7.65
N LYS E 67 -22.05 5.96 8.00
CA LYS E 67 -21.12 4.96 8.51
C LYS E 67 -20.09 4.60 7.44
N GLY E 68 -18.83 4.55 7.84
CA GLY E 68 -17.78 4.17 6.92
C GLY E 68 -17.41 5.24 5.92
N ILE E 69 -17.51 6.51 6.29
CA ILE E 69 -17.12 7.59 5.40
C ILE E 69 -16.29 8.60 6.19
N SER E 70 -15.06 8.85 5.74
CA SER E 70 -14.21 9.81 6.41
C SER E 70 -14.35 11.17 5.76
N GLU E 71 -13.68 12.17 6.35
CA GLU E 71 -13.70 13.51 5.79
C GLU E 71 -12.97 13.58 4.45
N ALA E 72 -11.91 12.77 4.28
CA ALA E 72 -11.19 12.74 3.00
C ALA E 72 -12.07 12.21 1.88
N LYS E 73 -12.82 11.14 2.15
CA LYS E 73 -13.72 10.62 1.12
C LYS E 73 -14.83 11.61 0.81
N ALA E 74 -15.30 12.34 1.82
CA ALA E 74 -16.33 13.33 1.56
C ALA E 74 -15.79 14.47 0.71
N ASP E 75 -14.53 14.88 0.95
CA ASP E 75 -13.96 15.93 0.13
C ASP E 75 -13.75 15.46 -1.31
N LYS E 76 -13.34 14.19 -1.47
CA LYS E 76 -13.19 13.65 -2.81
C LYS E 76 -14.54 13.57 -3.52
N ILE E 77 -15.59 13.22 -2.78
CA ILE E 77 -16.91 13.14 -3.39
C ILE E 77 -17.39 14.52 -3.82
N LEU E 78 -17.30 15.51 -2.93
CA LEU E 78 -17.77 16.83 -3.31
C LEU E 78 -16.95 17.42 -4.45
N ALA E 79 -15.63 17.23 -4.45
CA ALA E 79 -14.82 17.78 -5.51
C ALA E 79 -15.16 17.13 -6.86
N GLU E 80 -15.22 15.80 -6.88
CA GLU E 80 -15.51 15.10 -8.12
C GLU E 80 -16.95 15.31 -8.56
N ALA E 81 -17.86 15.55 -7.62
CA ALA E 81 -19.23 15.86 -7.97
C ALA E 81 -19.30 17.26 -8.58
N ALA E 82 -18.50 18.20 -8.05
CA ALA E 82 -18.48 19.52 -8.63
C ALA E 82 -17.85 19.47 -10.01
N LYS E 83 -16.99 18.48 -10.25
CA LYS E 83 -16.47 18.30 -11.61
C LYS E 83 -17.57 17.77 -12.51
N LEU E 84 -18.35 16.81 -12.01
CA LEU E 84 -19.46 16.23 -12.77
C LEU E 84 -20.67 17.14 -12.79
N VAL E 85 -20.93 17.83 -11.68
CA VAL E 85 -22.07 18.72 -11.55
C VAL E 85 -21.60 20.15 -11.36
#